data_5E4M
#
_entry.id   5E4M
#
_cell.length_a   73.513
_cell.length_b   93.470
_cell.length_c   117.854
_cell.angle_alpha   90.00
_cell.angle_beta   90.00
_cell.angle_gamma   90.00
#
_symmetry.space_group_name_H-M   'I 2 2 2'
#
loop_
_entity.id
_entity.type
_entity.pdbx_description
1 polymer 'Hydroxynitrile lyase'
2 non-polymer P-HYDROXYBENZALDEHYDE
3 water water
#
_entity_poly.entity_id   1
_entity_poly.type   'polypeptide(L)'
_entity_poly.pdbx_seq_one_letter_code
;MSYYHHHHHHDYDIPTTENLYFQGAMAGTGGGAEQFQLRGVLWGKAYSWKITGTTIDKVWSIVGDYVRVDNWVSSVVKSS
HVVSGEANQTGCVRRFVCYPASEGESETVDYSELIHMNAAAHQYMYMIVGGNITGFSLMKNYVSNISLSSLPEEDGGGVI
FYWSFTAEPASNLTEQKCIEIVFPLYTTALKDLCTHLSIPESSVTLLDD
;
_entity_poly.pdbx_strand_id   A,B
#
# COMPACT_ATOMS: atom_id res chain seq x y z
N ALA A 33 -10.90 19.21 -19.29
CA ALA A 33 -9.93 18.18 -18.92
C ALA A 33 -8.56 18.78 -18.62
N GLU A 34 -8.36 20.05 -18.97
CA GLU A 34 -7.07 20.73 -18.74
C GLU A 34 -7.09 21.58 -17.48
N GLN A 35 -7.26 20.92 -16.35
CA GLN A 35 -7.35 21.59 -15.05
C GLN A 35 -7.18 20.55 -13.94
N PHE A 36 -6.63 20.98 -12.81
CA PHE A 36 -6.46 20.08 -11.68
C PHE A 36 -6.60 20.80 -10.35
N GLN A 37 -6.79 20.00 -9.31
CA GLN A 37 -7.01 20.48 -7.96
C GLN A 37 -5.91 19.93 -7.04
N LEU A 38 -5.08 20.79 -6.48
CA LEU A 38 -4.05 20.33 -5.55
C LEU A 38 -4.65 19.75 -4.27
N ARG A 39 -3.99 18.73 -3.74
N ARG A 39 -4.02 18.70 -3.74
CA ARG A 39 -4.37 18.12 -2.47
CA ARG A 39 -4.42 18.13 -2.47
C ARG A 39 -3.19 18.12 -1.52
C ARG A 39 -3.21 18.09 -1.52
N GLY A 40 -3.47 17.95 -0.23
CA GLY A 40 -2.39 17.89 0.74
C GLY A 40 -1.57 16.63 0.53
N VAL A 41 -0.30 16.69 0.92
CA VAL A 41 0.57 15.52 0.77
C VAL A 41 0.47 14.68 2.04
N LEU A 42 1.07 13.50 2.03
CA LEU A 42 0.98 12.60 3.17
C LEU A 42 2.34 12.25 3.76
N TRP A 43 2.33 11.79 5.01
CA TRP A 43 3.50 11.17 5.61
C TRP A 43 3.31 9.66 5.58
N GLY A 44 4.38 8.88 5.63
CA GLY A 44 4.19 7.45 5.72
C GLY A 44 5.41 6.65 5.33
N LYS A 45 5.31 5.34 5.53
CA LYS A 45 6.33 4.43 5.05
C LYS A 45 5.74 3.03 4.91
N ALA A 46 6.30 2.29 3.97
CA ALA A 46 5.92 0.89 3.71
C ALA A 46 7.10 -0.03 4.01
N TYR A 47 6.80 -1.18 4.59
CA TYR A 47 7.80 -2.17 4.96
C TYR A 47 7.41 -3.51 4.38
N SER A 48 8.39 -4.35 4.09
CA SER A 48 8.09 -5.73 3.68
C SER A 48 9.03 -6.72 4.36
N TRP A 49 8.47 -7.85 4.77
CA TRP A 49 9.25 -8.94 5.34
C TRP A 49 9.08 -10.22 4.54
N LYS A 50 10.13 -11.04 4.47
CA LYS A 50 9.99 -12.39 3.96
C LYS A 50 9.92 -13.34 5.14
N ILE A 51 8.88 -14.18 5.17
CA ILE A 51 8.72 -15.14 6.25
C ILE A 51 8.84 -16.57 5.72
N THR A 52 9.83 -17.30 6.23
CA THR A 52 10.04 -18.70 5.84
C THR A 52 9.47 -19.64 6.89
N GLY A 53 9.28 -20.91 6.51
CA GLY A 53 8.81 -21.91 7.44
C GLY A 53 7.35 -21.77 7.83
N THR A 54 6.54 -21.22 6.92
CA THR A 54 5.11 -21.06 7.16
C THR A 54 4.37 -20.92 5.82
N THR A 55 3.07 -20.78 5.90
CA THR A 55 2.23 -20.63 4.73
C THR A 55 1.35 -19.40 4.85
N ILE A 56 0.87 -18.90 3.72
CA ILE A 56 -0.01 -17.73 3.75
C ILE A 56 -1.24 -18.00 4.62
N ASP A 57 -1.75 -19.22 4.57
CA ASP A 57 -2.94 -19.58 5.35
C ASP A 57 -2.68 -19.53 6.85
N LYS A 58 -1.53 -20.05 7.28
CA LYS A 58 -1.18 -19.99 8.69
C LYS A 58 -0.97 -18.55 9.18
N VAL A 59 -0.29 -17.75 8.37
CA VAL A 59 -0.09 -16.35 8.75
C VAL A 59 -1.43 -15.64 8.81
N TRP A 60 -2.28 -15.90 7.80
CA TRP A 60 -3.56 -15.19 7.69
C TRP A 60 -4.48 -15.52 8.85
N SER A 61 -4.44 -16.75 9.33
N SER A 61 -4.44 -16.76 9.34
CA SER A 61 -5.25 -17.18 10.47
CA SER A 61 -5.30 -17.15 10.46
C SER A 61 -5.08 -16.24 11.66
C SER A 61 -5.08 -16.25 11.67
N ILE A 62 -3.86 -15.73 11.81
CA ILE A 62 -3.52 -14.83 12.90
C ILE A 62 -3.70 -13.35 12.50
N VAL A 63 -3.09 -12.98 11.39
CA VAL A 63 -3.04 -11.59 10.94
C VAL A 63 -4.40 -11.12 10.39
N GLY A 64 -5.12 -12.00 9.73
CA GLY A 64 -6.39 -11.66 9.10
C GLY A 64 -7.59 -11.60 10.02
N ASP A 65 -7.44 -12.11 11.25
CA ASP A 65 -8.50 -12.02 12.25
C ASP A 65 -8.44 -10.64 12.89
N TYR A 66 -8.90 -9.65 12.13
CA TYR A 66 -8.74 -8.26 12.47
C TYR A 66 -9.26 -7.90 13.87
N VAL A 67 -10.46 -8.33 14.21
CA VAL A 67 -11.02 -7.92 15.50
C VAL A 67 -10.38 -8.67 16.68
N ARG A 68 -9.60 -9.70 16.39
CA ARG A 68 -8.88 -10.39 17.47
C ARG A 68 -7.36 -10.18 17.35
N VAL A 69 -6.96 -8.92 17.27
CA VAL A 69 -5.54 -8.59 17.20
C VAL A 69 -4.86 -8.89 18.55
N ASP A 70 -5.66 -9.08 19.60
CA ASP A 70 -5.10 -9.53 20.88
C ASP A 70 -4.53 -10.95 20.78
N ASN A 71 -4.96 -11.71 19.77
CA ASN A 71 -4.41 -13.04 19.52
C ASN A 71 -3.24 -12.99 18.56
N TRP A 72 -2.83 -11.79 18.18
CA TRP A 72 -1.67 -11.63 17.33
C TRP A 72 -0.58 -10.87 18.13
N VAL A 73 -0.77 -9.56 18.31
CA VAL A 73 0.23 -8.74 18.97
C VAL A 73 0.00 -8.79 20.48
N SER A 74 0.09 -10.01 21.02
N SER A 74 0.08 -10.01 21.02
CA SER A 74 -0.31 -10.29 22.39
CA SER A 74 -0.33 -10.28 22.39
C SER A 74 0.60 -9.68 23.45
C SER A 74 0.63 -9.75 23.47
N SER A 75 1.79 -9.27 23.06
CA SER A 75 2.73 -8.68 24.00
C SER A 75 2.29 -7.27 24.35
N VAL A 76 1.52 -6.65 23.45
CA VAL A 76 1.10 -5.26 23.60
C VAL A 76 -0.40 -5.16 23.89
N VAL A 77 -1.16 -6.02 23.21
CA VAL A 77 -2.62 -5.92 23.23
C VAL A 77 -3.26 -6.94 24.18
N LYS A 78 -4.00 -6.44 25.17
CA LYS A 78 -4.57 -7.30 26.21
C LYS A 78 -5.85 -7.99 25.78
N SER A 79 -6.71 -7.26 25.08
CA SER A 79 -7.99 -7.80 24.64
C SER A 79 -8.51 -6.99 23.46
N SER A 80 -9.49 -7.52 22.74
CA SER A 80 -10.00 -6.87 21.54
C SER A 80 -11.37 -7.46 21.18
N HIS A 81 -12.31 -6.58 20.81
CA HIS A 81 -13.67 -6.97 20.45
C HIS A 81 -14.21 -6.07 19.36
N VAL A 82 -15.14 -6.57 18.56
CA VAL A 82 -15.86 -5.72 17.62
C VAL A 82 -16.86 -4.86 18.41
N VAL A 83 -16.97 -3.58 18.07
CA VAL A 83 -17.93 -2.71 18.74
C VAL A 83 -18.91 -2.03 17.79
N SER A 84 -18.70 -2.21 16.49
CA SER A 84 -19.65 -1.69 15.50
C SER A 84 -19.56 -2.59 14.27
N GLY A 85 -20.70 -2.90 13.67
CA GLY A 85 -20.72 -3.79 12.52
C GLY A 85 -20.46 -5.25 12.87
N GLU A 86 -20.19 -6.04 11.85
CA GLU A 86 -19.96 -7.48 12.01
C GLU A 86 -18.48 -7.76 12.04
N ALA A 87 -18.06 -8.66 12.91
CA ALA A 87 -16.63 -8.97 13.07
C ALA A 87 -15.96 -9.28 11.73
N ASN A 88 -14.89 -8.52 11.46
CA ASN A 88 -14.03 -8.72 10.29
C ASN A 88 -14.68 -8.44 8.95
N GLN A 89 -15.81 -7.74 8.96
CA GLN A 89 -16.40 -7.29 7.71
C GLN A 89 -16.10 -5.82 7.50
N THR A 90 -15.91 -5.44 6.24
CA THR A 90 -15.60 -4.05 5.92
C THR A 90 -16.56 -3.09 6.58
N GLY A 91 -16.01 -2.07 7.22
CA GLY A 91 -16.80 -1.06 7.91
C GLY A 91 -16.88 -1.30 9.40
N CYS A 92 -16.54 -2.51 9.85
CA CYS A 92 -16.61 -2.80 11.28
C CYS A 92 -15.56 -2.00 12.07
N VAL A 93 -15.82 -1.80 13.35
CA VAL A 93 -14.88 -1.13 14.23
C VAL A 93 -14.46 -2.08 15.35
N ARG A 94 -13.15 -2.19 15.57
CA ARG A 94 -12.67 -2.94 16.72
C ARG A 94 -12.25 -1.97 17.81
N ARG A 95 -12.44 -2.40 19.05
CA ARG A 95 -11.89 -1.71 20.21
C ARG A 95 -10.90 -2.67 20.86
N PHE A 96 -9.63 -2.28 20.95
CA PHE A 96 -8.72 -3.14 21.70
C PHE A 96 -8.04 -2.37 22.82
N VAL A 97 -7.66 -3.12 23.85
CA VAL A 97 -7.09 -2.54 25.06
C VAL A 97 -5.63 -2.97 25.17
N CYS A 98 -4.75 -2.01 25.41
CA CYS A 98 -3.33 -2.29 25.60
C CYS A 98 -2.95 -2.30 27.07
N TYR A 99 -2.01 -3.19 27.40
CA TYR A 99 -1.37 -3.23 28.72
C TYR A 99 -0.75 -1.88 29.05
N PRO A 100 -0.73 -1.53 30.35
CA PRO A 100 -0.06 -0.30 30.78
C PRO A 100 1.39 -0.22 30.31
N ALA A 101 1.88 0.98 30.05
CA ALA A 101 3.28 1.19 29.70
C ALA A 101 4.18 0.99 30.94
N SER A 102 3.64 1.31 32.11
CA SER A 102 4.38 1.14 33.36
C SER A 102 3.42 0.93 34.54
N GLU A 103 3.99 0.73 35.73
CA GLU A 103 3.25 0.40 36.95
C GLU A 103 1.95 1.17 37.18
N GLY A 104 2.07 2.48 37.36
CA GLY A 104 0.94 3.29 37.75
C GLY A 104 0.05 3.78 36.61
N GLU A 105 0.48 3.53 35.37
CA GLU A 105 -0.26 4.03 34.21
C GLU A 105 -1.48 3.18 33.90
N SER A 106 -2.48 3.80 33.29
CA SER A 106 -3.69 3.09 32.90
C SER A 106 -3.48 2.31 31.62
N GLU A 107 -4.36 1.36 31.37
CA GLU A 107 -4.46 0.73 30.08
C GLU A 107 -4.91 1.79 29.06
N THR A 108 -4.46 1.66 27.81
CA THR A 108 -4.92 2.57 26.77
C THR A 108 -5.84 1.81 25.82
N VAL A 109 -6.58 2.55 25.01
CA VAL A 109 -7.60 1.93 24.17
C VAL A 109 -7.50 2.43 22.75
N ASP A 110 -7.69 1.53 21.79
CA ASP A 110 -7.76 1.92 20.40
C ASP A 110 -9.14 1.63 19.82
N TYR A 111 -9.60 2.53 18.96
CA TYR A 111 -10.72 2.24 18.06
C TYR A 111 -10.24 2.34 16.62
N SER A 112 -10.38 1.26 15.86
CA SER A 112 -10.02 1.34 14.45
C SER A 112 -11.04 0.65 13.56
N GLU A 113 -11.28 1.29 12.42
CA GLU A 113 -12.28 0.84 11.47
C GLU A 113 -11.63 0.09 10.33
N LEU A 114 -12.18 -1.07 10.00
CA LEU A 114 -11.76 -1.80 8.80
C LEU A 114 -12.34 -1.10 7.57
N ILE A 115 -11.51 -0.45 6.76
CA ILE A 115 -12.09 0.28 5.63
C ILE A 115 -11.93 -0.46 4.31
N HIS A 116 -11.20 -1.57 4.34
CA HIS A 116 -11.24 -2.49 3.20
C HIS A 116 -10.79 -3.86 3.65
N MET A 117 -11.49 -4.88 3.18
CA MET A 117 -11.12 -6.26 3.51
C MET A 117 -11.32 -7.15 2.30
N ASN A 118 -10.27 -7.88 1.94
CA ASN A 118 -10.36 -8.87 0.87
C ASN A 118 -9.68 -10.14 1.35
N ALA A 119 -10.43 -10.98 2.06
CA ALA A 119 -9.84 -12.15 2.69
C ALA A 119 -9.29 -13.12 1.64
N ALA A 120 -10.00 -13.24 0.52
CA ALA A 120 -9.58 -14.16 -0.55
C ALA A 120 -8.22 -13.77 -1.09
N ALA A 121 -7.93 -12.47 -1.06
CA ALA A 121 -6.67 -11.95 -1.56
C ALA A 121 -5.71 -11.62 -0.41
N HIS A 122 -6.06 -12.05 0.81
CA HIS A 122 -5.22 -11.90 1.99
C HIS A 122 -4.69 -10.48 2.18
N GLN A 123 -5.60 -9.52 2.24
CA GLN A 123 -5.20 -8.11 2.35
C GLN A 123 -6.34 -7.30 2.93
N TYR A 124 -6.00 -6.31 3.74
CA TYR A 124 -7.00 -5.40 4.27
C TYR A 124 -6.38 -4.06 4.60
N MET A 125 -7.23 -3.12 4.98
N MET A 125 -7.23 -3.10 4.90
CA MET A 125 -6.85 -1.75 5.21
CA MET A 125 -6.81 -1.74 5.24
C MET A 125 -7.68 -1.21 6.38
C MET A 125 -7.65 -1.27 6.41
N TYR A 126 -7.06 -0.47 7.28
CA TYR A 126 -7.79 0.00 8.44
C TYR A 126 -7.30 1.38 8.85
N MET A 127 -8.09 2.05 9.69
N MET A 127 -8.08 2.06 9.68
CA MET A 127 -7.78 3.42 10.08
CA MET A 127 -7.65 3.36 10.13
C MET A 127 -8.14 3.63 11.56
C MET A 127 -8.10 3.60 11.55
N ILE A 128 -7.31 4.37 12.28
CA ILE A 128 -7.63 4.67 13.66
C ILE A 128 -8.71 5.75 13.69
N VAL A 129 -9.82 5.43 14.36
CA VAL A 129 -10.95 6.36 14.40
C VAL A 129 -11.24 6.87 15.81
N GLY A 130 -10.44 6.45 16.79
CA GLY A 130 -10.60 6.94 18.14
C GLY A 130 -9.61 6.32 19.11
N GLY A 131 -9.70 6.70 20.38
CA GLY A 131 -8.90 6.07 21.42
C GLY A 131 -7.71 6.89 21.82
N ASN A 132 -6.85 6.32 22.68
CA ASN A 132 -5.69 7.06 23.18
C ASN A 132 -4.41 6.22 23.22
N ILE A 133 -4.25 5.31 22.26
CA ILE A 133 -3.00 4.56 22.15
C ILE A 133 -1.82 5.50 22.08
N THR A 134 -0.79 5.20 22.86
CA THR A 134 0.42 6.02 22.86
C THR A 134 1.01 6.14 21.46
N GLY A 135 1.26 7.37 21.05
CA GLY A 135 1.88 7.63 19.77
C GLY A 135 0.87 7.58 18.65
N PHE A 136 0.26 6.40 18.47
CA PHE A 136 -0.65 6.20 17.35
C PHE A 136 -1.85 7.15 17.40
N SER A 137 -2.35 7.44 18.59
CA SER A 137 -3.53 8.31 18.68
C SER A 137 -3.17 9.78 18.44
N LEU A 138 -1.87 10.09 18.40
CA LEU A 138 -1.41 11.44 18.11
C LEU A 138 -1.48 11.76 16.62
N MET A 139 -1.35 10.75 15.79
CA MET A 139 -1.35 10.94 14.35
C MET A 139 -2.72 11.34 13.83
N LYS A 140 -2.71 12.11 12.75
CA LYS A 140 -3.92 12.55 12.13
C LYS A 140 -4.27 11.59 11.00
N ASN A 141 -5.43 10.95 11.10
CA ASN A 141 -5.87 9.96 10.11
C ASN A 141 -4.81 8.90 9.78
N TYR A 142 -4.40 8.17 10.80
CA TYR A 142 -3.51 7.04 10.59
C TYR A 142 -4.26 5.96 9.83
N VAL A 143 -3.73 5.59 8.67
CA VAL A 143 -4.32 4.57 7.82
C VAL A 143 -3.25 3.53 7.53
N SER A 144 -3.58 2.25 7.67
CA SER A 144 -2.59 1.18 7.49
C SER A 144 -3.08 0.09 6.55
N ASN A 145 -2.14 -0.53 5.82
CA ASN A 145 -2.44 -1.54 4.82
C ASN A 145 -1.63 -2.78 5.12
N ILE A 146 -2.27 -3.94 5.08
CA ILE A 146 -1.55 -5.21 5.21
C ILE A 146 -1.85 -6.09 4.01
N SER A 147 -0.82 -6.68 3.42
CA SER A 147 -1.01 -7.58 2.29
C SER A 147 -0.10 -8.80 2.43
N LEU A 148 -0.64 -10.00 2.24
CA LEU A 148 0.20 -11.20 2.22
C LEU A 148 0.28 -11.78 0.82
N SER A 149 1.48 -12.21 0.43
CA SER A 149 1.71 -12.85 -0.87
C SER A 149 2.54 -14.12 -0.69
N SER A 150 2.24 -15.15 -1.47
CA SER A 150 3.05 -16.36 -1.49
C SER A 150 4.17 -16.25 -2.52
N LEU A 151 5.39 -16.58 -2.14
CA LEU A 151 6.46 -16.70 -3.12
C LEU A 151 6.26 -18.02 -3.87
N PRO A 152 6.76 -18.09 -5.11
CA PRO A 152 6.60 -19.34 -5.88
C PRO A 152 7.21 -20.56 -5.17
N GLU A 153 6.52 -21.69 -5.28
CA GLU A 153 6.95 -22.94 -4.66
C GLU A 153 8.38 -23.32 -5.01
N GLU A 154 8.74 -23.18 -6.28
CA GLU A 154 10.05 -23.60 -6.77
C GLU A 154 11.18 -22.74 -6.21
N ASP A 155 10.83 -21.64 -5.57
CA ASP A 155 11.81 -20.79 -4.91
C ASP A 155 11.78 -21.06 -3.41
N GLY A 156 11.20 -22.19 -3.02
CA GLY A 156 11.14 -22.58 -1.63
C GLY A 156 9.97 -21.97 -0.88
N GLY A 157 9.07 -21.31 -1.60
CA GLY A 157 7.90 -20.72 -0.99
C GLY A 157 8.27 -19.63 0.01
N GLY A 158 7.45 -19.49 1.04
CA GLY A 158 7.62 -18.40 1.98
C GLY A 158 6.58 -17.32 1.74
N VAL A 159 6.44 -16.40 2.68
CA VAL A 159 5.41 -15.38 2.56
C VAL A 159 6.04 -13.99 2.53
N ILE A 160 5.57 -13.13 1.63
CA ILE A 160 5.91 -11.71 1.70
C ILE A 160 4.81 -11.00 2.47
N PHE A 161 5.21 -10.40 3.57
CA PHE A 161 4.35 -9.61 4.46
C PHE A 161 4.58 -8.15 4.15
N TYR A 162 3.58 -7.47 3.59
CA TYR A 162 3.65 -6.03 3.32
C TYR A 162 2.82 -5.30 4.36
N TRP A 163 3.37 -4.23 4.94
CA TRP A 163 2.66 -3.43 5.93
C TRP A 163 3.07 -1.98 5.74
N SER A 164 2.10 -1.11 5.48
CA SER A 164 2.42 0.30 5.29
C SER A 164 1.50 1.17 6.12
N PHE A 165 1.89 2.43 6.31
CA PHE A 165 0.99 3.37 6.93
C PHE A 165 1.14 4.71 6.27
N THR A 166 0.08 5.53 6.39
CA THR A 166 0.19 6.94 6.13
C THR A 166 -0.47 7.71 7.27
N ALA A 167 -0.09 8.96 7.38
CA ALA A 167 -0.75 9.89 8.29
C ALA A 167 -0.73 11.25 7.61
N GLU A 168 -1.69 12.12 7.98
CA GLU A 168 -1.69 13.49 7.46
C GLU A 168 -0.78 14.37 8.28
N PRO A 169 0.03 15.21 7.61
CA PRO A 169 0.88 16.16 8.33
C PRO A 169 0.10 17.00 9.33
N ALA A 170 0.62 17.09 10.55
CA ALA A 170 0.05 17.99 11.54
C ALA A 170 1.17 18.60 12.37
N SER A 171 0.92 19.73 13.02
CA SER A 171 1.99 20.51 13.64
C SER A 171 2.59 19.88 14.88
N ASN A 172 1.89 18.94 15.51
CA ASN A 172 2.39 18.36 16.74
C ASN A 172 3.30 17.16 16.48
N LEU A 173 3.44 16.76 15.22
CA LEU A 173 4.34 15.65 14.89
C LEU A 173 5.22 16.01 13.72
N THR A 174 6.10 15.06 13.35
CA THR A 174 6.88 15.15 12.13
C THR A 174 6.80 13.77 11.51
N GLU A 175 7.16 13.67 10.24
CA GLU A 175 7.18 12.34 9.64
C GLU A 175 8.14 11.43 10.38
N GLN A 176 9.32 11.94 10.73
CA GLN A 176 10.28 11.11 11.46
C GLN A 176 9.70 10.56 12.76
N LYS A 177 8.98 11.40 13.50
CA LYS A 177 8.40 10.95 14.75
C LYS A 177 7.34 9.88 14.50
N CYS A 178 6.60 10.00 13.40
CA CYS A 178 5.60 8.99 13.04
C CYS A 178 6.27 7.65 12.80
N ILE A 179 7.36 7.69 12.05
CA ILE A 179 8.10 6.47 11.77
C ILE A 179 8.64 5.87 13.07
N GLU A 180 9.08 6.72 14.00
CA GLU A 180 9.59 6.20 15.27
C GLU A 180 8.49 5.60 16.16
N ILE A 181 7.24 6.00 15.93
CA ILE A 181 6.11 5.39 16.62
C ILE A 181 5.76 4.05 15.99
N VAL A 182 5.69 4.04 14.66
CA VAL A 182 5.15 2.90 13.94
C VAL A 182 6.11 1.72 13.82
N PHE A 183 7.32 1.94 13.34
CA PHE A 183 8.18 0.81 12.99
C PHE A 183 8.50 -0.15 14.16
N PRO A 184 8.76 0.37 15.39
CA PRO A 184 8.99 -0.55 16.51
C PRO A 184 7.77 -1.42 16.84
N LEU A 185 6.57 -0.92 16.60
CA LEU A 185 5.36 -1.70 16.83
C LEU A 185 5.24 -2.79 15.77
N TYR A 186 5.43 -2.42 14.50
CA TYR A 186 5.41 -3.41 13.42
C TYR A 186 6.43 -4.51 13.71
N THR A 187 7.60 -4.12 14.20
CA THR A 187 8.66 -5.07 14.50
C THR A 187 8.23 -6.03 15.61
N THR A 188 7.67 -5.48 16.67
CA THR A 188 7.12 -6.29 17.76
C THR A 188 6.05 -7.25 17.26
N ALA A 189 5.18 -6.76 16.37
CA ALA A 189 4.09 -7.58 15.86
C ALA A 189 4.62 -8.76 15.03
N LEU A 190 5.70 -8.54 14.29
CA LEU A 190 6.27 -9.62 13.49
C LEU A 190 6.88 -10.67 14.43
N LYS A 191 7.50 -10.22 15.51
CA LYS A 191 8.02 -11.14 16.51
C LYS A 191 6.89 -11.89 17.22
N ASP A 192 5.81 -11.19 17.56
CA ASP A 192 4.68 -11.84 18.19
C ASP A 192 4.03 -12.85 17.25
N LEU A 193 4.02 -12.53 15.96
CA LEU A 193 3.51 -13.46 14.96
C LEU A 193 4.27 -14.79 15.01
N CYS A 194 5.60 -14.69 15.06
CA CYS A 194 6.42 -15.89 15.15
C CYS A 194 6.06 -16.73 16.37
N THR A 195 5.89 -16.07 17.51
CA THR A 195 5.50 -16.77 18.73
C THR A 195 4.23 -17.59 18.54
N HIS A 196 3.22 -16.97 17.93
CA HIS A 196 1.95 -17.65 17.72
C HIS A 196 2.04 -18.74 16.67
N LEU A 197 2.98 -18.57 15.74
CA LEU A 197 3.21 -19.58 14.70
C LEU A 197 4.12 -20.72 15.19
N SER A 198 4.72 -20.52 16.37
CA SER A 198 5.74 -21.45 16.88
C SER A 198 6.88 -21.65 15.89
N ILE A 199 7.38 -20.54 15.34
CA ILE A 199 8.56 -20.59 14.50
C ILE A 199 9.58 -19.64 15.09
N PRO A 200 10.87 -19.86 14.80
CA PRO A 200 11.91 -18.97 15.36
C PRO A 200 11.83 -17.58 14.76
N GLU A 201 12.29 -16.56 15.49
CA GLU A 201 12.31 -15.19 14.97
C GLU A 201 13.13 -15.07 13.69
N SER A 202 14.12 -15.94 13.56
CA SER A 202 14.98 -15.92 12.38
C SER A 202 14.19 -16.27 11.11
N SER A 203 12.95 -16.74 11.27
CA SER A 203 12.09 -17.05 10.15
C SER A 203 11.73 -15.78 9.37
N VAL A 204 11.85 -14.65 10.05
CA VAL A 204 11.46 -13.35 9.49
C VAL A 204 12.68 -12.54 9.12
N THR A 205 12.67 -12.03 7.89
CA THR A 205 13.70 -11.14 7.39
C THR A 205 13.08 -9.86 6.86
N LEU A 206 13.48 -8.73 7.41
CA LEU A 206 13.03 -7.45 6.88
C LEU A 206 13.75 -7.18 5.56
N LEU A 207 12.99 -7.00 4.48
CA LEU A 207 13.60 -6.74 3.17
C LEU A 207 14.23 -5.35 3.13
N ASP A 208 15.39 -5.27 2.46
CA ASP A 208 16.18 -4.05 2.35
C ASP A 208 16.68 -3.53 3.69
N ASP A 209 16.93 -4.44 4.63
CA ASP A 209 17.63 -4.07 5.86
C ASP A 209 19.15 -4.09 5.62
N ALA B 33 -12.06 9.46 25.84
CA ALA B 33 -11.25 8.62 24.96
C ALA B 33 -11.96 7.32 24.61
N GLU B 34 -13.28 7.29 24.82
CA GLU B 34 -14.07 6.10 24.53
C GLU B 34 -15.21 6.40 23.55
N GLN B 35 -14.88 7.15 22.50
CA GLN B 35 -15.79 7.34 21.38
C GLN B 35 -14.99 7.27 20.08
N PHE B 36 -15.68 7.11 18.97
CA PHE B 36 -15.00 7.05 17.69
C PHE B 36 -15.84 7.69 16.59
N GLN B 37 -15.19 8.04 15.49
CA GLN B 37 -15.88 8.67 14.37
C GLN B 37 -15.85 7.77 13.14
N LEU B 38 -17.00 7.17 12.82
CA LEU B 38 -17.11 6.29 11.66
C LEU B 38 -16.80 7.01 10.36
N ARG B 39 -16.12 6.31 9.45
CA ARG B 39 -15.84 6.85 8.14
C ARG B 39 -16.35 5.90 7.07
N GLY B 40 -16.39 6.37 5.82
CA GLY B 40 -16.81 5.53 4.72
C GLY B 40 -15.73 4.52 4.36
N VAL B 41 -16.11 3.43 3.72
CA VAL B 41 -15.13 2.41 3.34
C VAL B 41 -14.52 2.78 1.99
N LEU B 42 -13.52 2.01 1.56
CA LEU B 42 -12.84 2.24 0.29
C LEU B 42 -13.01 1.06 -0.65
N TRP B 43 -12.82 1.31 -1.93
CA TRP B 43 -12.59 0.24 -2.89
C TRP B 43 -11.09 0.17 -3.16
N GLY B 44 -10.60 -0.97 -3.65
CA GLY B 44 -9.22 -1.04 -4.10
C GLY B 44 -8.65 -2.44 -4.05
N LYS B 45 -7.40 -2.56 -4.47
CA LYS B 45 -6.74 -3.87 -4.45
C LYS B 45 -5.25 -3.66 -4.54
N ALA B 46 -4.51 -4.58 -3.95
CA ALA B 46 -3.06 -4.54 -3.96
C ALA B 46 -2.52 -5.76 -4.69
N TYR B 47 -1.51 -5.55 -5.51
CA TYR B 47 -0.89 -6.60 -6.32
C TYR B 47 0.61 -6.64 -6.07
N SER B 48 1.19 -7.84 -6.10
CA SER B 48 2.64 -7.98 -6.01
C SER B 48 3.18 -8.89 -7.11
N TRP B 49 4.30 -8.48 -7.71
CA TRP B 49 5.00 -9.29 -8.71
C TRP B 49 6.43 -9.55 -8.27
N LYS B 50 6.93 -10.73 -8.60
CA LYS B 50 8.36 -10.99 -8.49
C LYS B 50 9.01 -10.74 -9.83
N ILE B 51 10.11 -10.00 -9.83
CA ILE B 51 10.83 -9.71 -11.04
C ILE B 51 12.28 -10.18 -10.91
N THR B 52 12.67 -11.08 -11.80
CA THR B 52 14.02 -11.63 -11.79
C THR B 52 14.84 -11.02 -12.93
N GLY B 53 16.15 -11.21 -12.88
CA GLY B 53 17.01 -10.81 -13.99
C GLY B 53 17.37 -9.34 -14.04
N THR B 54 17.15 -8.62 -12.94
CA THR B 54 17.44 -7.19 -12.93
C THR B 54 17.78 -6.78 -11.50
N THR B 55 17.91 -5.47 -11.26
CA THR B 55 18.19 -5.00 -9.90
C THR B 55 17.17 -3.96 -9.52
N ILE B 56 17.00 -3.76 -8.22
CA ILE B 56 16.02 -2.78 -7.73
C ILE B 56 16.36 -1.38 -8.24
N ASP B 57 17.65 -1.10 -8.42
CA ASP B 57 18.06 0.23 -8.86
C ASP B 57 17.72 0.47 -10.34
N LYS B 58 17.88 -0.57 -11.15
CA LYS B 58 17.51 -0.47 -12.56
C LYS B 58 16.00 -0.29 -12.69
N VAL B 59 15.23 -1.10 -11.96
CA VAL B 59 13.78 -0.96 -11.98
C VAL B 59 13.37 0.45 -11.57
N TRP B 60 13.94 0.91 -10.47
CA TRP B 60 13.61 2.23 -9.94
C TRP B 60 13.94 3.35 -10.92
N SER B 61 14.99 3.19 -11.73
CA SER B 61 15.36 4.27 -12.64
C SER B 61 14.23 4.55 -13.63
N ILE B 62 13.44 3.52 -13.94
CA ILE B 62 12.28 3.66 -14.81
C ILE B 62 11.02 4.05 -14.02
N VAL B 63 10.68 3.21 -13.05
CA VAL B 63 9.42 3.29 -12.33
C VAL B 63 9.36 4.53 -11.42
N GLY B 64 10.52 4.89 -10.87
CA GLY B 64 10.58 5.97 -9.91
C GLY B 64 10.71 7.36 -10.50
N ASP B 65 10.95 7.44 -11.82
CA ASP B 65 11.01 8.73 -12.49
C ASP B 65 9.59 9.16 -12.79
N TYR B 66 8.92 9.60 -11.74
CA TYR B 66 7.51 9.89 -11.75
C TYR B 66 7.07 10.80 -12.90
N VAL B 67 7.79 11.88 -13.12
CA VAL B 67 7.32 12.83 -14.12
C VAL B 67 7.62 12.38 -15.55
N ARG B 68 8.41 11.33 -15.72
CA ARG B 68 8.66 10.81 -17.06
C ARG B 68 8.09 9.41 -17.21
N VAL B 69 6.82 9.25 -16.85
CA VAL B 69 6.14 7.98 -17.02
C VAL B 69 6.04 7.60 -18.51
N ASP B 70 6.22 8.55 -19.41
CA ASP B 70 6.28 8.23 -20.84
C ASP B 70 7.49 7.36 -21.19
N ASN B 71 8.52 7.40 -20.35
CA ASN B 71 9.68 6.54 -20.53
C ASN B 71 9.46 5.17 -19.88
N TRP B 72 8.29 5.00 -19.25
CA TRP B 72 7.97 3.69 -18.66
C TRP B 72 6.81 3.04 -19.44
N VAL B 73 5.59 3.53 -19.26
CA VAL B 73 4.45 2.86 -19.88
C VAL B 73 4.25 3.39 -21.30
N SER B 74 5.23 3.11 -22.16
N SER B 74 5.24 3.11 -22.15
CA SER B 74 5.26 3.68 -23.51
CA SER B 74 5.34 3.73 -23.47
C SER B 74 4.24 3.05 -24.47
C SER B 74 4.31 3.22 -24.48
N SER B 75 3.62 1.95 -24.07
N SER B 75 3.67 2.10 -24.19
CA SER B 75 2.53 1.38 -24.86
CA SER B 75 2.63 1.60 -25.08
C SER B 75 1.29 2.28 -24.80
C SER B 75 1.32 2.34 -24.86
N VAL B 76 1.24 3.14 -23.78
CA VAL B 76 0.03 3.89 -23.47
C VAL B 76 0.27 5.40 -23.43
N VAL B 77 1.40 5.80 -22.86
CA VAL B 77 1.67 7.20 -22.61
C VAL B 77 2.57 7.77 -23.70
N LYS B 78 2.08 8.81 -24.37
CA LYS B 78 2.85 9.46 -25.43
C LYS B 78 3.87 10.46 -24.89
N SER B 79 3.48 11.26 -23.91
CA SER B 79 4.36 12.29 -23.37
C SER B 79 4.00 12.61 -21.93
N SER B 80 4.95 13.18 -21.20
CA SER B 80 4.73 13.51 -19.79
C SER B 80 5.68 14.62 -19.35
N HIS B 81 5.19 15.55 -18.55
CA HIS B 81 6.09 16.49 -17.90
C HIS B 81 5.46 17.08 -16.64
N VAL B 82 6.32 17.64 -15.81
CA VAL B 82 5.89 18.27 -14.58
C VAL B 82 5.21 19.59 -14.94
N VAL B 83 4.10 19.89 -14.27
CA VAL B 83 3.37 21.12 -14.53
C VAL B 83 3.18 21.95 -13.28
N SER B 84 3.52 21.37 -12.14
CA SER B 84 3.46 22.06 -10.87
C SER B 84 4.52 21.50 -9.91
N GLY B 85 5.20 22.37 -9.18
CA GLY B 85 6.22 21.96 -8.22
C GLY B 85 7.53 21.54 -8.86
N GLU B 86 8.40 20.92 -8.08
N GLU B 86 8.39 20.91 -8.08
CA GLU B 86 9.70 20.42 -8.57
CA GLU B 86 9.68 20.42 -8.58
C GLU B 86 9.59 18.95 -8.96
C GLU B 86 9.58 18.95 -8.97
N ALA B 87 10.18 18.60 -10.10
CA ALA B 87 10.12 17.23 -10.63
C ALA B 87 10.42 16.17 -9.57
N ASN B 88 9.47 15.26 -9.38
CA ASN B 88 9.62 14.08 -8.53
C ASN B 88 9.79 14.41 -7.05
N GLN B 89 9.45 15.63 -6.68
CA GLN B 89 9.38 16.01 -5.27
C GLN B 89 7.92 15.97 -4.84
N THR B 90 7.67 15.57 -3.61
N THR B 90 7.67 15.59 -3.61
CA THR B 90 6.29 15.42 -3.13
CA THR B 90 6.30 15.49 -3.11
C THR B 90 5.56 16.77 -3.25
C THR B 90 5.55 16.80 -3.27
N GLY B 91 4.31 16.69 -3.68
CA GLY B 91 3.50 17.87 -3.97
C GLY B 91 3.47 18.19 -5.47
N CYS B 92 4.41 17.63 -6.24
CA CYS B 92 4.47 18.00 -7.66
C CYS B 92 3.31 17.35 -8.42
N VAL B 93 2.97 17.93 -9.56
CA VAL B 93 1.89 17.41 -10.41
C VAL B 93 2.47 17.15 -11.78
N ARG B 94 2.22 15.97 -12.33
CA ARG B 94 2.59 15.66 -13.71
C ARG B 94 1.36 15.65 -14.59
N ARG B 95 1.55 16.06 -15.84
CA ARG B 95 0.52 16.00 -16.86
C ARG B 95 1.05 15.03 -17.90
N PHE B 96 0.32 13.95 -18.17
CA PHE B 96 0.74 13.13 -19.28
C PHE B 96 -0.40 12.90 -20.25
N VAL B 97 -0.02 12.58 -21.48
CA VAL B 97 -0.95 12.45 -22.60
C VAL B 97 -0.89 11.02 -23.08
N CYS B 98 -2.06 10.42 -23.32
CA CYS B 98 -2.11 9.05 -23.83
C CYS B 98 -2.55 9.00 -25.27
N TYR B 99 -2.05 8.02 -26.00
CA TYR B 99 -2.53 7.76 -27.36
C TYR B 99 -4.00 7.45 -27.36
N PRO B 100 -4.70 7.77 -28.46
CA PRO B 100 -6.08 7.34 -28.66
C PRO B 100 -6.27 5.87 -28.25
N ALA B 101 -7.18 5.64 -27.30
CA ALA B 101 -7.36 4.32 -26.69
C ALA B 101 -7.84 3.30 -27.72
N SER B 102 -8.67 3.76 -28.65
CA SER B 102 -9.06 2.95 -29.80
C SER B 102 -9.06 3.86 -31.01
N GLU B 103 -9.19 3.29 -32.20
CA GLU B 103 -9.13 4.09 -33.41
C GLU B 103 -10.37 4.97 -33.53
N GLY B 104 -10.18 6.18 -34.02
CA GLY B 104 -11.25 7.15 -34.11
C GLY B 104 -11.25 8.09 -32.93
N GLU B 105 -11.07 7.54 -31.73
CA GLU B 105 -11.06 8.33 -30.51
C GLU B 105 -9.92 9.35 -30.48
N SER B 106 -9.95 10.22 -29.47
N SER B 106 -9.95 10.22 -29.47
CA SER B 106 -8.93 11.26 -29.37
CA SER B 106 -8.96 11.28 -29.33
C SER B 106 -7.96 10.97 -28.22
C SER B 106 -7.97 10.98 -28.20
N GLU B 107 -6.90 11.76 -28.14
CA GLU B 107 -5.94 11.67 -27.04
C GLU B 107 -6.64 11.98 -25.72
N THR B 108 -6.14 11.41 -24.63
CA THR B 108 -6.66 11.79 -23.33
C THR B 108 -5.51 12.32 -22.46
N VAL B 109 -5.86 13.01 -21.38
CA VAL B 109 -4.83 13.64 -20.55
C VAL B 109 -5.02 13.28 -19.08
N ASP B 110 -3.91 13.06 -18.38
CA ASP B 110 -3.96 12.83 -16.95
C ASP B 110 -3.22 13.93 -16.20
N TYR B 111 -3.79 14.38 -15.09
CA TYR B 111 -3.05 15.17 -14.11
C TYR B 111 -2.99 14.37 -12.83
N SER B 112 -1.79 14.11 -12.33
CA SER B 112 -1.69 13.39 -11.07
C SER B 112 -0.63 14.01 -10.18
N GLU B 113 -0.95 14.02 -8.89
CA GLU B 113 -0.09 14.59 -7.89
C GLU B 113 0.70 13.55 -7.12
N LEU B 114 1.99 13.79 -6.98
CA LEU B 114 2.82 12.95 -6.12
C LEU B 114 2.52 13.34 -4.67
N ILE B 115 1.93 12.45 -3.88
CA ILE B 115 1.58 12.85 -2.51
C ILE B 115 2.49 12.20 -1.44
N HIS B 116 3.38 11.31 -1.88
CA HIS B 116 4.46 10.85 -1.03
C HIS B 116 5.61 10.33 -1.88
N MET B 117 6.85 10.61 -1.47
CA MET B 117 7.99 10.06 -2.18
C MET B 117 9.13 9.74 -1.22
N ASN B 118 9.68 8.54 -1.35
CA ASN B 118 10.86 8.16 -0.58
C ASN B 118 11.75 7.38 -1.52
N ALA B 119 12.57 8.11 -2.28
CA ALA B 119 13.36 7.50 -3.35
C ALA B 119 14.36 6.45 -2.82
N ALA B 120 14.98 6.72 -1.68
CA ALA B 120 15.99 5.78 -1.17
C ALA B 120 15.33 4.46 -0.74
N ALA B 121 14.06 4.53 -0.38
CA ALA B 121 13.29 3.37 0.06
C ALA B 121 12.44 2.82 -1.10
N HIS B 122 12.59 3.42 -2.28
CA HIS B 122 11.99 2.93 -3.51
C HIS B 122 10.47 2.80 -3.42
N GLN B 123 9.84 3.84 -2.91
CA GLN B 123 8.39 3.82 -2.77
C GLN B 123 7.79 5.22 -2.93
N TYR B 124 6.60 5.28 -3.53
CA TYR B 124 5.90 6.55 -3.60
C TYR B 124 4.41 6.35 -3.73
N MET B 125 3.69 7.45 -3.65
N MET B 125 3.70 7.45 -3.72
CA MET B 125 2.24 7.45 -3.69
CA MET B 125 2.26 7.45 -3.68
C MET B 125 1.79 8.61 -4.55
C MET B 125 1.74 8.64 -4.47
N TYR B 126 0.72 8.42 -5.30
CA TYR B 126 0.20 9.49 -6.14
C TYR B 126 -1.31 9.37 -6.29
N MET B 127 -1.93 10.47 -6.72
CA MET B 127 -3.35 10.46 -6.93
C MET B 127 -3.76 11.30 -8.13
N ILE B 128 -4.81 10.88 -8.81
CA ILE B 128 -5.29 11.62 -9.97
C ILE B 128 -6.03 12.84 -9.49
N VAL B 129 -5.66 14.01 -10.02
CA VAL B 129 -6.26 15.27 -9.60
C VAL B 129 -6.91 16.03 -10.76
N GLY B 130 -6.90 15.43 -11.95
CA GLY B 130 -7.59 16.01 -13.09
C GLY B 130 -7.44 15.18 -14.34
N GLY B 131 -8.03 15.64 -15.43
CA GLY B 131 -7.86 14.96 -16.70
C GLY B 131 -9.02 14.08 -17.11
N ASN B 132 -8.88 13.38 -18.24
CA ASN B 132 -9.97 12.58 -18.75
C ASN B 132 -9.50 11.22 -19.24
N ILE B 133 -8.42 10.72 -18.65
CA ILE B 133 -7.94 9.37 -18.97
C ILE B 133 -9.05 8.35 -18.90
N THR B 134 -9.16 7.52 -19.94
CA THR B 134 -10.24 6.54 -20.00
C THR B 134 -10.21 5.61 -18.80
N GLY B 135 -11.37 5.46 -18.16
CA GLY B 135 -11.50 4.60 -17.01
C GLY B 135 -10.98 5.29 -15.76
N PHE B 136 -9.69 5.60 -15.73
CA PHE B 136 -9.07 6.12 -14.50
C PHE B 136 -9.71 7.43 -14.04
N SER B 137 -10.11 8.28 -14.98
CA SER B 137 -10.69 9.56 -14.60
C SER B 137 -12.12 9.41 -14.05
N LEU B 138 -12.72 8.24 -14.23
CA LEU B 138 -14.08 7.98 -13.74
C LEU B 138 -14.09 7.71 -12.24
N MET B 139 -12.97 7.24 -11.70
CA MET B 139 -12.90 6.92 -10.28
C MET B 139 -12.84 8.17 -9.42
N LYS B 140 -13.37 8.07 -8.22
CA LYS B 140 -13.33 9.19 -7.30
C LYS B 140 -12.14 9.03 -6.37
N ASN B 141 -11.27 10.04 -6.35
CA ASN B 141 -10.07 9.98 -5.53
C ASN B 141 -9.25 8.69 -5.69
N TYR B 142 -8.90 8.37 -6.94
CA TYR B 142 -7.94 7.30 -7.24
C TYR B 142 -6.59 7.64 -6.61
N VAL B 143 -6.16 6.79 -5.70
CA VAL B 143 -4.86 6.91 -5.04
C VAL B 143 -4.08 5.63 -5.29
N SER B 144 -2.82 5.74 -5.69
CA SER B 144 -2.03 4.54 -5.98
C SER B 144 -0.70 4.54 -5.24
N ASN B 145 -0.24 3.35 -4.89
CA ASN B 145 1.02 3.12 -4.20
C ASN B 145 1.95 2.19 -4.96
N ILE B 146 3.20 2.60 -5.12
CA ILE B 146 4.23 1.74 -5.70
C ILE B 146 5.35 1.58 -4.69
N SER B 147 5.79 0.33 -4.52
CA SER B 147 6.84 0.02 -3.56
C SER B 147 7.70 -1.13 -4.10
N LEU B 148 9.02 -0.92 -4.16
CA LEU B 148 9.94 -1.94 -4.61
C LEU B 148 10.75 -2.47 -3.43
N SER B 149 10.93 -3.78 -3.37
CA SER B 149 11.73 -4.39 -2.31
C SER B 149 12.70 -5.39 -2.90
N SER B 150 13.86 -5.54 -2.27
CA SER B 150 14.81 -6.53 -2.72
C SER B 150 14.62 -7.83 -1.96
N LEU B 151 14.54 -8.94 -2.68
CA LEU B 151 14.59 -10.23 -2.04
C LEU B 151 16.04 -10.46 -1.58
N PRO B 152 16.22 -11.23 -0.49
CA PRO B 152 17.57 -11.40 0.06
C PRO B 152 18.57 -11.92 -0.97
N GLU B 153 19.76 -11.31 -1.05
CA GLU B 153 20.87 -11.82 -1.85
C GLU B 153 21.04 -13.33 -1.58
N GLU B 154 20.94 -13.69 -0.31
CA GLU B 154 21.12 -15.06 0.18
C GLU B 154 20.22 -16.04 -0.56
N ASP B 155 18.96 -15.67 -0.71
CA ASP B 155 17.94 -16.55 -1.26
C ASP B 155 17.81 -16.42 -2.79
N GLY B 156 18.76 -15.73 -3.42
CA GLY B 156 18.79 -15.63 -4.87
C GLY B 156 18.50 -14.26 -5.46
N GLY B 157 18.17 -13.29 -4.62
CA GLY B 157 17.84 -11.95 -5.11
C GLY B 157 16.49 -11.89 -5.82
N GLY B 158 16.32 -10.88 -6.68
CA GLY B 158 15.03 -10.62 -7.31
C GLY B 158 14.38 -9.38 -6.71
N VAL B 159 13.39 -8.84 -7.39
CA VAL B 159 12.72 -7.63 -6.89
C VAL B 159 11.24 -7.94 -6.67
N ILE B 160 10.68 -7.50 -5.54
CA ILE B 160 9.22 -7.50 -5.39
C ILE B 160 8.64 -6.15 -5.76
N PHE B 161 7.73 -6.14 -6.74
CA PHE B 161 7.06 -4.92 -7.19
C PHE B 161 5.66 -4.95 -6.59
N TYR B 162 5.40 -4.05 -5.65
CA TYR B 162 4.08 -3.89 -5.05
C TYR B 162 3.39 -2.68 -5.68
N TRP B 163 2.14 -2.86 -6.08
CA TRP B 163 1.38 -1.77 -6.70
C TRP B 163 -0.06 -1.90 -6.21
N SER B 164 -0.58 -0.86 -5.58
CA SER B 164 -1.96 -0.91 -5.10
C SER B 164 -2.71 0.34 -5.46
N PHE B 165 -4.03 0.29 -5.37
CA PHE B 165 -4.84 1.48 -5.54
C PHE B 165 -6.03 1.45 -4.59
N THR B 166 -6.57 2.63 -4.27
CA THR B 166 -7.89 2.73 -3.67
C THR B 166 -8.69 3.76 -4.43
N ALA B 167 -10.00 3.68 -4.32
CA ALA B 167 -10.88 4.70 -4.85
C ALA B 167 -12.03 4.81 -3.88
N GLU B 168 -12.69 5.96 -3.84
CA GLU B 168 -13.88 6.13 -3.03
C GLU B 168 -15.11 5.60 -3.75
N PRO B 169 -15.91 4.76 -3.06
CA PRO B 169 -17.15 4.25 -3.66
C PRO B 169 -18.00 5.39 -4.15
N ALA B 170 -18.57 5.21 -5.33
CA ALA B 170 -19.39 6.22 -5.95
C ALA B 170 -20.49 5.52 -6.73
N SER B 171 -21.64 6.15 -6.81
N SER B 171 -21.65 6.14 -6.81
CA SER B 171 -22.83 5.52 -7.40
CA SER B 171 -22.83 5.50 -7.40
C SER B 171 -22.64 5.19 -8.89
C SER B 171 -22.67 5.21 -8.90
N ASN B 172 -21.82 5.97 -9.58
CA ASN B 172 -21.63 5.79 -11.02
C ASN B 172 -20.65 4.67 -11.38
N LEU B 173 -20.12 3.98 -10.39
CA LEU B 173 -19.18 2.88 -10.62
C LEU B 173 -19.44 1.70 -9.70
N THR B 174 -18.64 0.65 -9.88
CA THR B 174 -18.62 -0.50 -9.00
C THR B 174 -17.15 -0.81 -8.70
N GLU B 175 -16.88 -1.50 -7.60
CA GLU B 175 -15.49 -1.88 -7.31
C GLU B 175 -14.98 -2.82 -8.40
N GLN B 176 -15.85 -3.70 -8.87
CA GLN B 176 -15.45 -4.61 -9.95
C GLN B 176 -14.99 -3.87 -11.19
N LYS B 177 -15.71 -2.81 -11.55
CA LYS B 177 -15.32 -2.02 -12.71
C LYS B 177 -13.96 -1.38 -12.47
N CYS B 178 -13.73 -0.90 -11.25
CA CYS B 178 -12.43 -0.30 -10.88
C CYS B 178 -11.29 -1.29 -11.14
N ILE B 179 -11.49 -2.52 -10.70
CA ILE B 179 -10.46 -3.53 -10.89
C ILE B 179 -10.27 -3.87 -12.36
N GLU B 180 -11.36 -3.88 -13.12
CA GLU B 180 -11.27 -4.14 -14.56
C GLU B 180 -10.55 -3.02 -15.30
N ILE B 181 -10.61 -1.83 -14.76
CA ILE B 181 -9.90 -0.68 -15.33
C ILE B 181 -8.41 -0.75 -15.00
N VAL B 182 -8.13 -1.02 -13.73
CA VAL B 182 -6.78 -0.87 -13.21
C VAL B 182 -5.85 -2.02 -13.58
N PHE B 183 -6.28 -3.25 -13.32
CA PHE B 183 -5.39 -4.39 -13.47
C PHE B 183 -4.79 -4.56 -14.88
N PRO B 184 -5.58 -4.34 -15.95
CA PRO B 184 -4.92 -4.49 -17.25
C PRO B 184 -3.85 -3.43 -17.50
N LEU B 185 -4.03 -2.24 -16.93
CA LEU B 185 -3.04 -1.18 -17.09
C LEU B 185 -1.77 -1.57 -16.33
N TYR B 186 -1.93 -2.01 -15.09
CA TYR B 186 -0.77 -2.45 -14.30
C TYR B 186 -0.03 -3.54 -15.06
N THR B 187 -0.79 -4.48 -15.62
CA THR B 187 -0.18 -5.59 -16.34
C THR B 187 0.59 -5.07 -17.55
N THR B 188 -0.01 -4.16 -18.30
CA THR B 188 0.69 -3.58 -19.46
C THR B 188 1.95 -2.83 -19.04
N ALA B 189 1.87 -2.15 -17.90
CA ALA B 189 3.00 -1.36 -17.40
C ALA B 189 4.19 -2.26 -17.04
N LEU B 190 3.90 -3.43 -16.48
CA LEU B 190 4.95 -4.38 -16.11
C LEU B 190 5.58 -4.95 -17.38
N LYS B 191 4.78 -5.15 -18.41
N LYS B 191 4.78 -5.15 -18.42
CA LYS B 191 5.31 -5.61 -19.69
CA LYS B 191 5.32 -5.61 -19.70
C LYS B 191 6.23 -4.54 -20.30
C LYS B 191 6.24 -4.54 -20.30
N ASP B 192 5.77 -3.29 -20.31
CA ASP B 192 6.58 -2.17 -20.82
C ASP B 192 7.87 -2.00 -20.03
N LEU B 193 7.79 -2.26 -18.73
CA LEU B 193 8.99 -2.17 -17.89
C LEU B 193 10.05 -3.16 -18.36
N CYS B 194 9.64 -4.39 -18.65
CA CYS B 194 10.56 -5.39 -19.19
C CYS B 194 11.22 -4.91 -20.50
N THR B 195 10.43 -4.34 -21.40
CA THR B 195 10.98 -3.79 -22.64
C THR B 195 12.10 -2.78 -22.39
N HIS B 196 11.87 -1.85 -21.48
CA HIS B 196 12.82 -0.79 -21.18
C HIS B 196 14.04 -1.30 -20.42
N LEU B 197 13.88 -2.38 -19.67
CA LEU B 197 14.99 -2.99 -18.94
C LEU B 197 15.78 -3.97 -19.80
N SER B 198 15.23 -4.27 -20.98
CA SER B 198 15.80 -5.26 -21.90
C SER B 198 15.90 -6.61 -21.23
N ILE B 199 14.84 -7.00 -20.54
CA ILE B 199 14.75 -8.33 -19.98
C ILE B 199 13.49 -9.00 -20.53
N PRO B 200 13.51 -10.34 -20.60
CA PRO B 200 12.33 -11.00 -21.17
C PRO B 200 11.07 -10.80 -20.34
N GLU B 201 9.93 -10.84 -21.01
CA GLU B 201 8.65 -10.77 -20.34
C GLU B 201 8.49 -11.88 -19.30
N SER B 202 9.20 -12.99 -19.49
CA SER B 202 9.12 -14.09 -18.54
C SER B 202 9.72 -13.72 -17.18
N SER B 203 10.38 -12.56 -17.09
CA SER B 203 11.01 -12.11 -15.86
C SER B 203 10.01 -11.77 -14.77
N VAL B 204 8.79 -11.44 -15.17
CA VAL B 204 7.75 -10.96 -14.25
C VAL B 204 6.78 -12.07 -13.87
N THR B 205 6.55 -12.25 -12.57
CA THR B 205 5.59 -13.24 -12.10
C THR B 205 4.64 -12.61 -11.10
N LEU B 206 3.36 -12.55 -11.43
CA LEU B 206 2.35 -12.11 -10.49
C LEU B 206 2.25 -13.11 -9.34
N LEU B 207 2.38 -12.62 -8.11
CA LEU B 207 2.31 -13.50 -6.95
C LEU B 207 0.86 -13.84 -6.61
N ASP B 208 0.62 -15.07 -6.15
CA ASP B 208 -0.70 -15.45 -5.64
C ASP B 208 -0.97 -14.66 -4.37
N ASP B 209 -2.19 -14.14 -4.27
CA ASP B 209 -2.64 -13.43 -3.08
C ASP B 209 -3.50 -14.36 -2.23
#